data_5BWA
#
_entry.id   5BWA
#
_cell.length_a   53.154
_cell.length_b   74.084
_cell.length_c   157.083
_cell.angle_alpha   90.000
_cell.angle_beta   90.000
_cell.angle_gamma   90.000
#
_symmetry.space_group_name_H-M   'P 21 21 21'
#
loop_
_entity.id
_entity.type
_entity.pdbx_description
1 polymer 'Ornithine decarboxylase'
2 polymer 'Ornithine decarboxylase antizyme 1'
3 non-polymer "PYRIDOXAL-5'-PHOSPHATE"
#
loop_
_entity_poly.entity_id
_entity_poly.type
_entity_poly.pdbx_seq_one_letter_code
_entity_poly.pdbx_strand_id
1 'polypeptide(L)'
;MNNFGNEEFDCHFLDEGFTAKDILDQKINEVSSSDDKDAFYVADLGDILKKHLRWLKALPRVTPFYAVKCNDSKAIVKTL
AATGTGFDCASKTEIQLVQSLGVPPERIIYANPCKQVSQIKYAANNGVQMMTFDSEVELMKVARAHPKAKLVLRIATDDS
KAVCRLSVKFGATLRTSRLLLERAKELNIDVVGVSFHVGSGCTDPETFVQAISDARCVFDMGAEVGFSMYLLDIGGGFPG
SEDVKLKFEEITGVINPALDKYFPSDSGVRIIAEPGRYYVASAFTLAVNIIAKKIVLKEQTGSDDEDESSEQTFMYYVND
GVYGSFNCILYDHAHVKPLLQKRPKPDEKYYSSSIWGPTCDGLDRIVERCDLPEMHVGDWMLFENMGAYTVAAASTFNGF
QRPTIYYVMSGPAWQLMQQFQNPDFPPEVEEQDASTLPVSCAWESGMKRHRAACASASINV
;
A
2 'polypeptide(L)'
;DAPHPPLKIPGGRGNSQRDHNLSANLFYSDDRLNVTEELTSNDKTRILNVQSRLTDAKRINWRTVLSGGSLYIEIPGGAL
PEGSKDSFAVLLEFAEEQLRADHVFICFHKNREDRAALLRTFSFLGFEIVRPGHPLVPKRPDACFMAYTFERESSGEEEE
;
B
#
# COMPACT_ATOMS: atom_id res chain seq x y z
N THR A 19 -4.00 -14.02 -27.62
CA THR A 19 -3.00 -12.98 -27.81
C THR A 19 -1.70 -13.36 -27.12
N ALA A 20 -1.29 -12.58 -26.12
CA ALA A 20 -0.08 -12.87 -25.35
C ALA A 20 -0.26 -14.14 -24.53
N LYS A 21 -1.51 -14.58 -24.42
CA LYS A 21 -1.85 -15.81 -23.71
C LYS A 21 -1.31 -17.07 -24.41
N ASP A 22 -0.18 -16.93 -25.09
CA ASP A 22 0.51 -18.06 -25.70
C ASP A 22 2.00 -18.01 -25.36
N ILE A 23 2.55 -16.79 -25.25
CA ILE A 23 3.98 -16.60 -25.00
C ILE A 23 4.42 -17.37 -23.77
N LEU A 24 3.47 -17.58 -22.87
CA LEU A 24 3.62 -18.54 -21.78
C LEU A 24 4.17 -19.84 -22.31
N ASP A 25 3.41 -20.47 -23.21
CA ASP A 25 3.78 -21.75 -23.80
C ASP A 25 5.14 -21.70 -24.48
N GLN A 26 5.45 -20.56 -25.10
CA GLN A 26 6.72 -20.37 -25.79
C GLN A 26 7.92 -20.40 -24.84
N LYS A 27 7.65 -20.29 -23.55
CA LYS A 27 8.70 -20.40 -22.54
C LYS A 27 8.60 -21.72 -21.76
N ILE A 28 7.48 -22.42 -21.93
CA ILE A 28 7.32 -23.74 -21.35
C ILE A 28 8.11 -24.77 -22.15
N ASN A 29 9.30 -25.11 -21.67
CA ASN A 29 10.14 -26.17 -22.22
C ASN A 29 11.38 -26.40 -21.35
N ASP A 38 10.57 -22.46 -12.95
CA ASP A 38 11.07 -21.27 -12.26
C ASP A 38 10.17 -20.07 -12.56
N ALA A 39 9.20 -19.84 -11.67
CA ALA A 39 8.14 -18.83 -11.80
C ALA A 39 8.50 -17.57 -12.58
N PHE A 40 7.62 -17.18 -13.51
CA PHE A 40 7.86 -16.04 -14.38
C PHE A 40 6.55 -15.37 -14.79
N TYR A 41 6.64 -14.07 -15.10
CA TYR A 41 5.47 -13.31 -15.52
C TYR A 41 5.49 -13.05 -17.02
N VAL A 42 4.30 -12.90 -17.60
CA VAL A 42 4.17 -12.28 -18.91
C VAL A 42 3.10 -11.18 -18.81
N ALA A 43 3.41 -10.01 -19.35
CA ALA A 43 2.52 -8.87 -19.21
C ALA A 43 2.12 -8.25 -20.55
N ASP A 44 0.81 -8.27 -20.82
CA ASP A 44 0.27 -7.64 -22.01
C ASP A 44 0.41 -6.13 -21.85
N LEU A 45 1.46 -5.57 -22.45
CA LEU A 45 1.75 -4.15 -22.26
C LEU A 45 0.80 -3.26 -23.05
N GLY A 46 -0.08 -3.88 -23.83
CA GLY A 46 -1.13 -3.15 -24.53
C GLY A 46 -2.32 -2.92 -23.62
N ASP A 47 -2.61 -3.91 -22.78
CA ASP A 47 -3.69 -3.83 -21.82
C ASP A 47 -3.53 -2.61 -20.91
N ILE A 48 -2.28 -2.27 -20.62
CA ILE A 48 -1.95 -1.05 -19.90
C ILE A 48 -2.49 0.17 -20.63
N LEU A 49 -2.31 0.18 -21.95
CA LEU A 49 -2.65 1.34 -22.76
C LEU A 49 -4.15 1.47 -22.99
N LYS A 50 -4.79 0.36 -23.35
CA LYS A 50 -6.21 0.37 -23.66
C LYS A 50 -6.98 0.79 -22.43
N LYS A 51 -6.41 0.49 -21.26
CA LYS A 51 -7.07 0.76 -20.00
C LYS A 51 -6.91 2.23 -19.64
N HIS A 52 -5.80 2.81 -20.08
CA HIS A 52 -5.59 4.24 -19.95
C HIS A 52 -6.53 4.97 -20.89
N LEU A 53 -6.67 4.43 -22.10
CA LEU A 53 -7.59 4.97 -23.08
C LEU A 53 -9.01 4.92 -22.55
N ARG A 54 -9.36 3.78 -21.97
CA ARG A 54 -10.66 3.57 -21.32
C ARG A 54 -10.85 4.57 -20.18
N TRP A 55 -9.75 4.89 -19.50
CA TRP A 55 -9.78 5.81 -18.37
C TRP A 55 -10.27 7.21 -18.77
N LEU A 56 -9.49 7.91 -19.60
CA LEU A 56 -9.81 9.29 -19.99
C LEU A 56 -11.05 9.37 -20.89
N LYS A 57 -11.59 8.22 -21.27
CA LYS A 57 -12.87 8.17 -21.96
C LYS A 57 -13.98 8.11 -20.92
N ALA A 58 -13.66 7.53 -19.77
CA ALA A 58 -14.59 7.44 -18.66
C ALA A 58 -14.33 8.56 -17.66
N LEU A 59 -13.07 8.94 -17.52
CA LEU A 59 -12.70 10.07 -16.67
C LEU A 59 -11.96 11.15 -17.45
N PRO A 60 -12.70 11.95 -18.23
CA PRO A 60 -12.11 12.99 -19.07
C PRO A 60 -11.63 14.17 -18.23
N ARG A 61 -12.24 14.35 -17.06
CA ARG A 61 -11.95 15.48 -16.20
C ARG A 61 -10.75 15.20 -15.29
N VAL A 62 -10.59 13.93 -14.93
CA VAL A 62 -9.60 13.52 -13.94
C VAL A 62 -8.26 13.16 -14.57
N THR A 63 -7.17 13.64 -13.97
CA THR A 63 -5.83 13.30 -14.44
C THR A 63 -5.24 12.19 -13.57
N PRO A 64 -5.01 11.02 -14.17
CA PRO A 64 -4.54 9.85 -13.40
C PRO A 64 -3.08 9.99 -12.99
N PHE A 65 -2.79 9.75 -11.72
CA PHE A 65 -1.41 9.68 -11.24
C PHE A 65 -1.13 8.28 -10.74
N TYR A 66 -0.27 7.56 -11.43
CA TYR A 66 -0.03 6.15 -11.14
C TYR A 66 0.58 5.92 -9.76
N ALA A 67 -0.11 5.15 -8.93
CA ALA A 67 0.43 4.72 -7.64
C ALA A 67 1.47 3.64 -7.90
N VAL A 68 2.70 4.08 -8.17
CA VAL A 68 3.78 3.19 -8.63
C VAL A 68 4.11 2.06 -7.63
N LYS A 69 3.66 2.19 -6.40
CA LYS A 69 3.94 1.20 -5.39
C LYS A 69 3.21 -0.06 -5.71
N CYS A 70 2.20 0.07 -6.51
CA CYS A 70 1.41 -1.07 -6.96
C CYS A 70 2.25 -2.00 -7.84
N ASN A 71 3.09 -1.40 -8.66
CA ASN A 71 3.96 -2.13 -9.57
C ASN A 71 5.03 -1.19 -10.08
N ASP A 72 6.23 -1.30 -9.53
CA ASP A 72 7.32 -0.37 -9.85
C ASP A 72 8.23 -0.89 -10.97
N SER A 73 7.70 -1.76 -11.82
CA SER A 73 8.48 -2.26 -12.95
C SER A 73 8.67 -1.13 -13.95
N LYS A 74 9.90 -0.96 -14.41
CA LYS A 74 10.27 0.17 -15.26
C LYS A 74 9.45 0.26 -16.54
N ALA A 75 9.20 -0.89 -17.16
CA ALA A 75 8.40 -0.93 -18.38
C ALA A 75 7.01 -0.36 -18.13
N ILE A 76 6.32 -0.90 -17.13
CA ILE A 76 4.99 -0.43 -16.74
C ILE A 76 4.96 1.09 -16.57
N VAL A 77 5.99 1.64 -15.97
CA VAL A 77 6.09 3.09 -15.78
C VAL A 77 6.41 3.81 -17.08
N LYS A 78 7.41 3.32 -17.82
CA LYS A 78 7.91 4.02 -18.99
C LYS A 78 6.85 4.20 -20.09
N THR A 79 5.96 3.24 -20.26
CA THR A 79 4.87 3.40 -21.21
C THR A 79 3.89 4.41 -20.66
N LEU A 80 3.49 4.22 -19.39
CA LEU A 80 2.54 5.10 -18.73
C LEU A 80 3.00 6.56 -18.73
N ALA A 81 4.27 6.79 -18.41
CA ALA A 81 4.84 8.13 -18.43
C ALA A 81 4.77 8.72 -19.83
N ALA A 82 5.05 7.88 -20.83
CA ALA A 82 5.09 8.31 -22.21
C ALA A 82 3.72 8.64 -22.78
N THR A 83 2.65 8.21 -22.10
CA THR A 83 1.30 8.54 -22.53
C THR A 83 0.91 9.93 -22.02
N GLY A 84 0.69 10.03 -20.72
CA GLY A 84 0.32 11.30 -20.12
C GLY A 84 -0.26 11.14 -18.72
N THR A 85 0.36 10.26 -17.93
CA THR A 85 -0.09 10.04 -16.56
C THR A 85 0.92 10.59 -15.56
N GLY A 86 0.42 11.21 -14.50
CA GLY A 86 1.26 11.65 -13.40
C GLY A 86 1.64 10.45 -12.55
N PHE A 87 2.35 10.68 -11.45
CA PHE A 87 2.79 9.56 -10.63
C PHE A 87 2.77 9.84 -9.12
N ASP A 88 1.85 9.17 -8.44
CA ASP A 88 1.81 9.18 -6.99
C ASP A 88 2.91 8.28 -6.44
N CYS A 89 3.99 8.90 -5.96
CA CYS A 89 5.11 8.15 -5.39
C CYS A 89 5.00 8.14 -3.86
N ALA A 90 5.68 7.19 -3.23
CA ALA A 90 5.56 7.01 -1.79
C ALA A 90 6.90 6.79 -1.08
N SER A 91 8.00 6.92 -1.80
CA SER A 91 9.32 6.72 -1.21
C SER A 91 10.44 7.37 -2.01
N LYS A 92 11.65 7.29 -1.48
CA LYS A 92 12.84 7.85 -2.14
C LYS A 92 13.13 7.15 -3.46
N THR A 93 13.22 5.82 -3.42
CA THR A 93 13.53 5.03 -4.60
C THR A 93 12.48 5.18 -5.69
N GLU A 94 11.26 5.55 -5.29
CA GLU A 94 10.15 5.65 -6.22
C GLU A 94 10.16 6.93 -7.05
N ILE A 95 10.57 8.03 -6.45
CA ILE A 95 10.73 9.26 -7.20
C ILE A 95 12.01 9.19 -8.04
N GLN A 96 12.93 8.34 -7.62
CA GLN A 96 14.12 8.02 -8.41
C GLN A 96 13.72 7.40 -9.73
N LEU A 97 13.07 6.23 -9.64
CA LEU A 97 12.54 5.49 -10.78
C LEU A 97 11.85 6.43 -11.77
N VAL A 98 11.04 7.34 -11.24
CA VAL A 98 10.20 8.19 -12.07
C VAL A 98 10.92 9.48 -12.53
N GLN A 99 11.90 9.95 -11.77
CA GLN A 99 12.70 11.10 -12.19
C GLN A 99 13.71 10.67 -13.25
N SER A 100 14.19 9.44 -13.13
CA SER A 100 15.18 8.90 -14.06
C SER A 100 14.58 8.74 -15.45
N LEU A 101 13.26 8.51 -15.50
CA LEU A 101 12.56 8.42 -16.77
C LEU A 101 12.26 9.80 -17.36
N GLY A 102 12.84 10.82 -16.73
CA GLY A 102 12.76 12.18 -17.24
C GLY A 102 11.40 12.83 -17.09
N VAL A 103 10.59 12.29 -16.19
CA VAL A 103 9.28 12.88 -15.90
C VAL A 103 9.46 14.16 -15.10
N PRO A 104 8.88 15.27 -15.59
CA PRO A 104 8.96 16.55 -14.88
C PRO A 104 8.28 16.46 -13.52
N PRO A 105 8.93 17.03 -12.48
CA PRO A 105 8.47 17.03 -11.09
C PRO A 105 7.12 17.72 -10.88
N GLU A 106 6.48 18.14 -11.98
CA GLU A 106 5.17 18.76 -11.94
C GLU A 106 4.08 17.70 -12.13
N ARG A 107 4.50 16.44 -12.26
CA ARG A 107 3.60 15.32 -12.44
C ARG A 107 3.72 14.36 -11.24
N ILE A 108 4.62 14.71 -10.34
CA ILE A 108 4.89 13.90 -9.16
C ILE A 108 4.14 14.42 -7.94
N ILE A 109 3.40 13.52 -7.28
CA ILE A 109 2.82 13.83 -5.99
C ILE A 109 3.27 12.83 -4.92
N TYR A 110 3.91 13.34 -3.89
CA TYR A 110 4.37 12.50 -2.79
C TYR A 110 3.21 12.28 -1.82
N ALA A 111 2.62 11.09 -1.89
CA ALA A 111 1.42 10.81 -1.09
C ALA A 111 1.54 9.53 -0.24
N ASN A 112 2.63 9.43 0.50
CA ASN A 112 2.80 8.37 1.48
C ASN A 112 2.04 8.75 2.75
N PRO A 113 1.19 7.85 3.26
CA PRO A 113 0.44 8.08 4.50
C PRO A 113 1.33 8.59 5.63
N CYS A 114 2.34 7.81 5.99
CA CYS A 114 3.31 8.24 6.99
C CYS A 114 4.64 8.52 6.31
N LYS A 115 5.09 9.76 6.37
CA LYS A 115 6.31 10.17 5.68
C LYS A 115 7.47 10.37 6.65
N GLN A 116 8.59 9.70 6.39
CA GLN A 116 9.81 9.92 7.16
C GLN A 116 10.37 11.30 6.82
N VAL A 117 11.22 11.82 7.68
CA VAL A 117 11.75 13.17 7.52
C VAL A 117 12.71 13.29 6.34
N SER A 118 13.70 12.39 6.31
CA SER A 118 14.68 12.36 5.22
C SER A 118 14.03 12.27 3.85
N GLN A 119 12.85 11.67 3.80
CA GLN A 119 12.07 11.56 2.58
C GLN A 119 11.47 12.91 2.18
N ILE A 120 10.99 13.66 3.17
CA ILE A 120 10.48 15.01 2.93
C ILE A 120 11.59 15.85 2.31
N LYS A 121 12.78 15.74 2.88
CA LYS A 121 13.95 16.50 2.45
C LYS A 121 14.34 16.16 1.02
N TYR A 122 14.50 14.88 0.74
CA TYR A 122 14.88 14.40 -0.58
C TYR A 122 13.91 14.91 -1.65
N ALA A 123 12.62 14.87 -1.33
CA ALA A 123 11.60 15.38 -2.22
C ALA A 123 11.78 16.88 -2.42
N ALA A 124 12.12 17.58 -1.35
CA ALA A 124 12.36 19.02 -1.41
C ALA A 124 13.54 19.33 -2.31
N ASN A 125 14.66 18.66 -2.06
CA ASN A 125 15.88 18.87 -2.83
C ASN A 125 15.76 18.49 -4.30
N ASN A 126 14.64 17.87 -4.67
CA ASN A 126 14.46 17.34 -6.01
C ASN A 126 13.21 17.83 -6.76
N GLY A 127 12.68 18.97 -6.33
CA GLY A 127 11.65 19.65 -7.10
C GLY A 127 10.22 19.16 -6.97
N VAL A 128 9.99 18.07 -6.23
CA VAL A 128 8.62 17.63 -5.98
C VAL A 128 7.97 18.51 -4.92
N GLN A 129 6.74 18.93 -5.17
CA GLN A 129 6.10 19.99 -4.40
C GLN A 129 4.83 19.53 -3.70
N MET A 130 4.04 18.69 -4.37
CA MET A 130 2.78 18.22 -3.82
C MET A 130 2.98 17.12 -2.78
N MET A 131 2.72 17.45 -1.51
CA MET A 131 2.86 16.51 -0.42
C MET A 131 1.61 16.48 0.44
N THR A 132 1.07 15.29 0.67
CA THR A 132 -0.16 15.13 1.43
C THR A 132 0.06 15.17 2.93
N PHE A 133 -1.03 15.20 3.69
CA PHE A 133 -1.00 15.14 5.15
C PHE A 133 -2.42 14.98 5.69
N ASP A 134 -2.53 14.42 6.90
CA ASP A 134 -3.83 14.16 7.49
C ASP A 134 -3.79 14.29 9.01
N SER A 135 -2.67 14.79 9.53
CA SER A 135 -2.50 14.98 10.97
C SER A 135 -1.46 16.06 11.25
N GLU A 136 -1.48 16.57 12.48
CA GLU A 136 -0.51 17.59 12.89
C GLU A 136 0.88 16.98 13.02
N VAL A 137 0.92 15.69 13.31
CA VAL A 137 2.19 14.95 13.40
C VAL A 137 2.93 14.99 12.07
N GLU A 138 2.20 14.80 10.98
CA GLU A 138 2.77 14.86 9.64
C GLU A 138 3.16 16.29 9.30
N LEU A 139 2.43 17.23 9.88
CA LEU A 139 2.61 18.65 9.59
C LEU A 139 3.96 19.15 10.07
N MET A 140 4.22 18.99 11.37
CA MET A 140 5.49 19.38 11.99
C MET A 140 6.67 18.86 11.17
N LYS A 141 6.60 17.58 10.79
CA LYS A 141 7.63 16.96 9.96
C LYS A 141 7.86 17.74 8.67
N VAL A 142 6.78 18.03 7.96
CA VAL A 142 6.85 18.80 6.73
C VAL A 142 7.42 20.20 6.98
N ALA A 143 7.03 20.80 8.10
CA ALA A 143 7.41 22.17 8.43
C ALA A 143 8.92 22.39 8.57
N ARG A 144 9.62 21.40 9.13
CA ARG A 144 11.05 21.56 9.39
C ARG A 144 11.93 20.92 8.32
N ALA A 145 11.32 20.22 7.37
CA ALA A 145 12.08 19.57 6.31
C ALA A 145 11.82 20.23 4.96
N HIS A 146 10.56 20.42 4.62
CA HIS A 146 10.18 21.13 3.39
C HIS A 146 9.02 22.08 3.66
N PRO A 147 9.32 23.22 4.30
CA PRO A 147 8.29 24.19 4.68
C PRO A 147 7.64 24.91 3.50
N LYS A 148 8.29 24.92 2.35
CA LYS A 148 7.77 25.62 1.18
C LYS A 148 7.05 24.68 0.22
N ALA A 149 6.48 23.61 0.75
CA ALA A 149 5.81 22.61 -0.08
C ALA A 149 4.35 22.98 -0.33
N LYS A 150 3.76 22.39 -1.37
CA LYS A 150 2.35 22.56 -1.66
C LYS A 150 1.55 21.44 -1.04
N LEU A 151 1.04 21.67 0.16
CA LEU A 151 0.36 20.64 0.93
C LEU A 151 -1.06 20.36 0.46
N VAL A 152 -1.41 19.09 0.39
CA VAL A 152 -2.75 18.67 0.05
C VAL A 152 -3.34 17.84 1.19
N LEU A 153 -4.36 18.38 1.84
CA LEU A 153 -4.94 17.77 3.04
C LEU A 153 -5.75 16.52 2.73
N ARG A 154 -5.19 15.36 3.05
CA ARG A 154 -5.93 14.11 2.85
C ARG A 154 -6.98 13.92 3.94
N ILE A 155 -8.24 13.82 3.52
CA ILE A 155 -9.33 13.61 4.45
C ILE A 155 -9.69 12.14 4.56
N ALA A 156 -10.47 11.79 5.58
CA ALA A 156 -10.85 10.41 5.83
C ALA A 156 -12.23 10.11 5.26
N THR A 157 -12.26 9.44 4.11
CA THR A 157 -13.52 8.89 3.63
C THR A 157 -13.87 7.72 4.54
N ASP A 158 -15.15 7.58 4.85
CA ASP A 158 -15.65 6.59 5.81
C ASP A 158 -15.02 5.21 5.67
N ARG A 165 -12.21 -2.38 5.85
CA ARG A 165 -12.16 -1.89 7.21
C ARG A 165 -10.74 -2.06 7.71
N LEU A 166 -10.16 -1.01 8.26
CA LEU A 166 -8.75 -1.01 8.58
C LEU A 166 -8.47 -0.69 10.04
N SER A 167 -7.29 -1.02 10.51
CA SER A 167 -6.92 -0.71 11.88
C SER A 167 -6.92 0.80 12.12
N VAL A 168 -5.76 1.41 12.20
CA VAL A 168 -5.67 2.83 12.39
C VAL A 168 -6.53 3.57 11.42
N LYS A 169 -6.68 4.87 11.61
CA LYS A 169 -7.51 5.65 10.71
C LYS A 169 -6.66 6.55 9.89
N PHE A 170 -7.05 6.71 8.64
CA PHE A 170 -6.28 7.41 7.67
C PHE A 170 -7.12 8.54 7.19
N GLY A 171 -6.53 9.70 7.03
CA GLY A 171 -7.26 10.88 6.62
C GLY A 171 -7.81 11.63 7.82
N ALA A 172 -7.96 12.94 7.67
CA ALA A 172 -8.48 13.77 8.76
C ALA A 172 -10.01 13.70 8.79
N THR A 173 -10.57 13.86 9.98
CA THR A 173 -12.01 13.99 10.12
C THR A 173 -12.38 15.44 9.86
N LEU A 174 -13.63 15.67 9.46
CA LEU A 174 -14.09 17.00 9.04
C LEU A 174 -13.78 18.10 10.04
N ARG A 175 -13.69 17.74 11.32
CA ARG A 175 -13.36 18.72 12.36
C ARG A 175 -11.86 18.98 12.42
N THR A 176 -11.09 17.94 12.67
CA THR A 176 -9.62 18.05 12.72
C THR A 176 -9.05 18.64 11.44
N SER A 177 -9.77 18.47 10.34
CA SER A 177 -9.41 19.09 9.07
C SER A 177 -9.22 20.59 9.27
N ARG A 178 -10.26 21.26 9.77
CA ARG A 178 -10.22 22.70 10.04
C ARG A 178 -9.01 23.08 10.89
N LEU A 179 -8.81 22.35 11.97
CA LEU A 179 -7.70 22.62 12.88
C LEU A 179 -6.35 22.51 12.18
N LEU A 180 -6.27 21.63 11.19
CA LEU A 180 -5.06 21.50 10.37
C LEU A 180 -4.94 22.68 9.42
N LEU A 181 -6.08 23.14 8.92
CA LEU A 181 -6.13 24.25 7.99
C LEU A 181 -5.68 25.56 8.65
N GLU A 182 -6.06 25.73 9.91
CA GLU A 182 -5.61 26.90 10.68
C GLU A 182 -4.15 26.75 11.06
N ARG A 183 -3.80 25.60 11.60
CA ARG A 183 -2.43 25.32 12.05
C ARG A 183 -1.43 25.55 10.91
N ALA A 184 -1.83 25.17 9.70
CA ALA A 184 -0.99 25.36 8.52
C ALA A 184 -0.65 26.83 8.33
N LYS A 185 -1.64 27.69 8.57
CA LYS A 185 -1.43 29.14 8.54
C LYS A 185 -0.59 29.60 9.73
N GLU A 186 -1.01 29.22 10.92
CA GLU A 186 -0.29 29.52 12.16
C GLU A 186 1.15 28.95 12.10
N LEU A 187 1.46 28.25 11.01
CA LEU A 187 2.81 27.80 10.68
C LEU A 187 3.31 28.44 9.41
N ASN A 188 2.42 29.12 8.69
CA ASN A 188 2.73 29.68 7.37
C ASN A 188 3.15 28.63 6.33
N ILE A 189 2.29 27.65 6.09
CA ILE A 189 2.53 26.66 5.06
C ILE A 189 1.36 26.63 4.07
N ASP A 190 1.68 26.61 2.78
CA ASP A 190 0.65 26.68 1.75
C ASP A 190 -0.06 25.35 1.54
N VAL A 191 -1.33 25.32 1.90
CA VAL A 191 -2.21 24.19 1.58
C VAL A 191 -2.98 24.54 0.31
N VAL A 192 -2.87 23.69 -0.70
CA VAL A 192 -3.40 24.02 -2.02
C VAL A 192 -4.56 23.14 -2.46
N GLY A 193 -4.90 22.13 -1.65
CA GLY A 193 -6.00 21.26 -1.98
C GLY A 193 -6.28 20.16 -0.98
N VAL A 194 -7.25 19.31 -1.30
CA VAL A 194 -7.61 18.19 -0.45
C VAL A 194 -7.54 16.87 -1.22
N SER A 195 -7.44 15.76 -0.50
CA SER A 195 -7.46 14.44 -1.13
C SER A 195 -8.20 13.40 -0.29
N PHE A 196 -8.66 12.34 -0.91
CA PHE A 196 -9.17 11.18 -0.19
C PHE A 196 -8.79 9.90 -0.92
N HIS A 197 -9.17 8.76 -0.34
CA HIS A 197 -8.81 7.47 -0.87
C HIS A 197 -9.69 6.39 -0.27
N VAL A 198 -10.71 5.97 -1.03
CA VAL A 198 -11.63 4.96 -0.54
C VAL A 198 -10.99 3.58 -0.55
N GLY A 199 -9.98 3.41 -1.42
CA GLY A 199 -9.25 2.16 -1.52
C GLY A 199 -10.06 1.02 -2.10
N SER A 200 -9.46 -0.16 -2.11
CA SER A 200 -10.11 -1.35 -2.65
C SER A 200 -11.32 -1.76 -1.82
N GLY A 201 -12.02 -2.78 -2.29
CA GLY A 201 -13.12 -3.36 -1.55
C GLY A 201 -14.25 -2.41 -1.21
N CYS A 202 -14.28 -1.27 -1.89
CA CYS A 202 -15.40 -0.35 -1.75
C CYS A 202 -16.59 -0.96 -2.45
N THR A 203 -17.57 -1.39 -1.66
CA THR A 203 -18.70 -2.15 -2.17
C THR A 203 -19.94 -1.29 -2.43
N ASP A 204 -19.74 0.03 -2.55
CA ASP A 204 -20.83 0.97 -2.82
C ASP A 204 -20.30 2.33 -3.28
N PRO A 205 -20.72 2.76 -4.47
CA PRO A 205 -20.37 4.06 -5.07
C PRO A 205 -20.75 5.28 -4.21
N GLU A 206 -21.83 5.18 -3.44
CA GLU A 206 -22.30 6.28 -2.59
C GLU A 206 -21.24 6.71 -1.55
N THR A 207 -20.13 5.97 -1.52
CA THR A 207 -18.99 6.33 -0.70
C THR A 207 -18.11 7.37 -1.42
N PHE A 208 -17.98 7.21 -2.73
CA PHE A 208 -17.23 8.14 -3.55
C PHE A 208 -17.89 9.52 -3.60
N VAL A 209 -19.20 9.53 -3.83
CA VAL A 209 -19.96 10.76 -3.99
C VAL A 209 -19.96 11.58 -2.70
N GLN A 210 -19.72 10.88 -1.60
CA GLN A 210 -19.76 11.48 -0.28
C GLN A 210 -18.46 12.21 0.03
N ALA A 211 -17.35 11.57 -0.32
CA ALA A 211 -16.02 12.14 -0.11
C ALA A 211 -15.88 13.46 -0.86
N ILE A 212 -16.29 13.46 -2.13
CA ILE A 212 -16.27 14.66 -2.96
C ILE A 212 -17.13 15.75 -2.34
N SER A 213 -18.18 15.34 -1.64
CA SER A 213 -19.02 16.28 -0.91
C SER A 213 -18.25 16.85 0.27
N ASP A 214 -17.67 15.97 1.09
CA ASP A 214 -16.82 16.39 2.20
C ASP A 214 -15.63 17.18 1.68
N ALA A 215 -15.17 16.83 0.49
CA ALA A 215 -14.04 17.51 -0.14
C ALA A 215 -14.39 18.96 -0.48
N ARG A 216 -15.67 19.22 -0.72
CA ARG A 216 -16.13 20.58 -0.94
C ARG A 216 -16.05 21.37 0.35
N CYS A 217 -16.69 20.84 1.39
CA CYS A 217 -16.71 21.47 2.70
CA CYS A 217 -16.70 21.46 2.71
C CYS A 217 -15.31 21.88 3.16
N VAL A 218 -14.33 21.00 2.93
CA VAL A 218 -12.94 21.27 3.31
C VAL A 218 -12.34 22.40 2.46
N PHE A 219 -12.66 22.40 1.16
CA PHE A 219 -12.23 23.48 0.27
C PHE A 219 -12.71 24.83 0.81
N ASP A 220 -13.90 24.83 1.41
CA ASP A 220 -14.49 26.04 1.96
C ASP A 220 -13.69 26.58 3.15
N MET A 221 -13.62 25.80 4.21
CA MET A 221 -12.87 26.18 5.41
C MET A 221 -11.46 26.61 5.08
N GLY A 222 -10.89 26.01 4.03
CA GLY A 222 -9.60 26.42 3.51
C GLY A 222 -9.66 27.79 2.88
N ALA A 223 -10.57 27.96 1.93
CA ALA A 223 -10.80 29.27 1.32
C ALA A 223 -11.20 30.28 2.39
N GLU A 224 -11.85 29.79 3.43
CA GLU A 224 -12.29 30.63 4.54
C GLU A 224 -11.14 30.97 5.47
N VAL A 225 -10.27 30.00 5.72
CA VAL A 225 -9.09 30.27 6.54
C VAL A 225 -8.08 31.06 5.69
N GLY A 226 -8.33 31.12 4.38
CA GLY A 226 -7.53 31.94 3.50
C GLY A 226 -6.53 31.13 2.70
N PHE A 227 -7.05 30.23 1.88
CA PHE A 227 -6.22 29.41 1.01
C PHE A 227 -6.80 29.36 -0.39
N SER A 228 -5.95 29.67 -1.37
N SER A 228 -5.97 29.68 -1.38
CA SER A 228 -6.35 29.59 -2.77
CA SER A 228 -6.39 29.61 -2.78
C SER A 228 -6.32 28.14 -3.25
C SER A 228 -6.34 28.16 -3.26
N MET A 229 -7.25 27.34 -2.75
CA MET A 229 -7.31 25.93 -3.10
C MET A 229 -7.79 25.71 -4.52
N TYR A 230 -7.30 24.65 -5.15
CA TYR A 230 -7.62 24.39 -6.56
C TYR A 230 -7.44 22.92 -6.94
N LEU A 231 -6.85 22.14 -6.04
CA LEU A 231 -6.54 20.74 -6.36
C LEU A 231 -7.39 19.75 -5.57
N LEU A 232 -8.23 19.03 -6.29
CA LEU A 232 -8.97 17.91 -5.70
C LEU A 232 -8.39 16.60 -6.18
N ASP A 233 -7.87 15.82 -5.24
CA ASP A 233 -7.35 14.48 -5.54
C ASP A 233 -8.31 13.46 -4.97
N ILE A 234 -8.79 12.55 -5.81
CA ILE A 234 -9.79 11.59 -5.36
C ILE A 234 -9.17 10.21 -5.09
N GLY A 235 -7.85 10.16 -5.05
CA GLY A 235 -7.14 8.93 -4.76
C GLY A 235 -7.37 7.84 -5.78
N GLY A 236 -7.33 6.59 -5.32
CA GLY A 236 -7.55 5.45 -6.19
C GLY A 236 -8.19 4.28 -5.46
N GLY A 237 -8.55 3.25 -6.22
CA GLY A 237 -9.20 2.08 -5.66
C GLY A 237 -10.01 1.35 -6.71
N PHE A 238 -10.18 2.01 -7.86
CA PHE A 238 -10.93 1.45 -8.98
C PHE A 238 -10.35 0.11 -9.40
N PRO A 239 -11.22 -0.86 -9.73
CA PRO A 239 -10.80 -2.23 -10.04
C PRO A 239 -9.94 -2.30 -11.30
N GLY A 240 -9.15 -3.36 -11.41
CA GLY A 240 -8.30 -3.56 -12.58
C GLY A 240 -8.67 -4.79 -13.36
N SER A 241 -9.62 -5.55 -12.82
CA SER A 241 -10.11 -6.75 -13.49
C SER A 241 -11.58 -6.57 -13.81
N GLU A 242 -12.18 -7.62 -14.37
CA GLU A 242 -13.61 -7.61 -14.66
C GLU A 242 -14.32 -8.53 -13.68
N ASP A 243 -14.02 -8.37 -12.40
CA ASP A 243 -14.62 -9.20 -11.36
C ASP A 243 -14.68 -8.45 -10.03
N LYS A 247 -17.72 -2.88 -10.75
CA LYS A 247 -17.10 -2.63 -12.05
C LYS A 247 -16.70 -1.15 -12.19
N PHE A 248 -15.86 -0.86 -13.17
CA PHE A 248 -15.29 0.47 -13.35
C PHE A 248 -16.34 1.54 -13.63
N GLU A 249 -16.75 1.66 -14.89
CA GLU A 249 -17.71 2.65 -15.37
C GLU A 249 -18.89 2.85 -14.41
N GLU A 250 -19.28 1.78 -13.72
N GLU A 250 -19.26 1.78 -13.73
CA GLU A 250 -20.29 1.87 -12.68
CA GLU A 250 -20.27 1.78 -12.68
C GLU A 250 -19.87 2.84 -11.59
C GLU A 250 -19.89 2.74 -11.53
N ILE A 251 -18.62 2.73 -11.16
CA ILE A 251 -18.11 3.62 -10.12
C ILE A 251 -17.83 5.00 -10.70
N THR A 252 -17.37 5.01 -11.96
CA THR A 252 -16.99 6.25 -12.62
C THR A 252 -18.22 7.07 -13.04
N GLY A 253 -19.35 6.38 -13.20
CA GLY A 253 -20.57 7.03 -13.67
C GLY A 253 -21.40 7.70 -12.60
N VAL A 254 -21.11 7.40 -11.34
CA VAL A 254 -21.78 8.06 -10.22
C VAL A 254 -20.88 9.22 -9.80
N ILE A 255 -19.65 9.19 -10.28
CA ILE A 255 -18.63 10.20 -10.01
C ILE A 255 -18.87 11.43 -10.87
N ASN A 256 -18.84 11.21 -12.19
CA ASN A 256 -18.97 12.29 -13.17
C ASN A 256 -20.08 13.33 -12.90
N PRO A 257 -21.28 12.88 -12.48
CA PRO A 257 -22.26 13.89 -12.08
C PRO A 257 -21.91 14.55 -10.74
N ALA A 258 -21.13 13.89 -9.89
CA ALA A 258 -20.78 14.45 -8.59
C ALA A 258 -19.67 15.50 -8.69
N LEU A 259 -18.86 15.41 -9.73
CA LEU A 259 -17.77 16.35 -9.93
C LEU A 259 -18.26 17.57 -10.68
N ASP A 260 -19.06 17.33 -11.70
CA ASP A 260 -19.74 18.41 -12.41
C ASP A 260 -20.58 19.22 -11.42
N LYS A 261 -20.93 18.60 -10.30
CA LYS A 261 -21.69 19.27 -9.24
C LYS A 261 -20.82 20.10 -8.31
N TYR A 262 -20.16 19.43 -7.36
CA TYR A 262 -19.43 20.13 -6.31
C TYR A 262 -18.17 20.83 -6.82
N PHE A 263 -17.59 20.31 -7.89
CA PHE A 263 -16.35 20.86 -8.43
C PHE A 263 -16.41 21.16 -9.92
N PRO A 264 -17.17 22.18 -10.33
CA PRO A 264 -17.16 22.54 -11.74
C PRO A 264 -16.34 23.80 -12.01
N SER A 265 -15.10 23.64 -12.45
CA SER A 265 -14.31 24.75 -12.96
C SER A 265 -14.17 25.92 -11.97
N ARG A 270 -8.73 21.82 -9.99
CA ARG A 270 -8.29 20.81 -10.95
C ARG A 270 -8.26 19.42 -10.30
N ILE A 271 -8.60 18.40 -11.07
CA ILE A 271 -8.84 17.08 -10.49
C ILE A 271 -7.87 16.01 -10.96
N ILE A 272 -7.13 15.45 -10.01
CA ILE A 272 -6.22 14.35 -10.28
C ILE A 272 -6.64 13.13 -9.46
N ALA A 273 -6.03 11.98 -9.73
CA ALA A 273 -6.34 10.76 -9.01
C ALA A 273 -5.07 9.96 -8.73
N GLU A 274 -5.19 8.89 -7.94
CA GLU A 274 -4.06 8.03 -7.65
C GLU A 274 -4.38 6.55 -7.86
N PRO A 275 -4.69 6.17 -9.11
CA PRO A 275 -5.08 4.77 -9.36
C PRO A 275 -3.89 3.81 -9.22
N GLY A 276 -4.18 2.51 -9.17
CA GLY A 276 -3.14 1.51 -9.07
C GLY A 276 -3.58 0.17 -9.62
N ARG A 277 -4.40 -0.53 -8.83
CA ARG A 277 -4.96 -1.84 -9.20
C ARG A 277 -5.56 -1.82 -10.58
N TYR A 278 -6.24 -0.72 -10.89
CA TYR A 278 -6.80 -0.47 -12.22
C TYR A 278 -5.79 -0.83 -13.30
N TYR A 279 -4.85 0.07 -13.58
CA TYR A 279 -3.89 -0.05 -14.68
C TYR A 279 -3.26 -1.42 -14.95
N VAL A 280 -2.75 -2.06 -13.91
CA VAL A 280 -1.82 -3.18 -14.09
C VAL A 280 -2.36 -4.58 -13.76
N ALA A 281 -3.57 -4.65 -13.21
CA ALA A 281 -4.13 -5.94 -12.79
C ALA A 281 -4.23 -6.94 -13.94
N SER A 282 -5.13 -6.67 -14.88
CA SER A 282 -5.43 -7.61 -15.96
C SER A 282 -4.32 -7.80 -16.98
N ALA A 283 -3.20 -7.11 -16.79
CA ALA A 283 -2.10 -7.18 -17.74
C ALA A 283 -1.20 -8.39 -17.51
N PHE A 284 -1.07 -8.79 -16.25
CA PHE A 284 -0.10 -9.81 -15.88
C PHE A 284 -0.75 -11.18 -15.68
N THR A 285 0.04 -12.23 -15.92
CA THR A 285 -0.41 -13.59 -15.72
C THR A 285 0.77 -14.38 -15.15
N LEU A 286 0.60 -14.90 -13.94
CA LEU A 286 1.69 -15.60 -13.26
C LEU A 286 1.77 -17.07 -13.66
N ALA A 287 2.97 -17.52 -13.96
CA ALA A 287 3.20 -18.92 -14.30
C ALA A 287 4.02 -19.59 -13.20
N VAL A 288 3.38 -20.54 -12.50
CA VAL A 288 4.01 -21.22 -11.37
C VAL A 288 4.22 -22.70 -11.67
N ASN A 289 5.35 -23.25 -11.19
CA ASN A 289 5.70 -24.63 -11.45
C ASN A 289 5.53 -25.50 -10.22
N ILE A 290 4.77 -26.58 -10.34
CA ILE A 290 4.59 -27.54 -9.26
C ILE A 290 5.93 -28.18 -8.89
N ILE A 291 6.33 -28.06 -7.63
CA ILE A 291 7.63 -28.54 -7.20
C ILE A 291 7.56 -29.62 -6.12
N ALA A 292 6.34 -30.07 -5.82
CA ALA A 292 6.13 -31.15 -4.86
C ALA A 292 4.71 -31.70 -4.98
N LYS A 293 4.56 -32.99 -4.74
CA LYS A 293 3.24 -33.60 -4.78
C LYS A 293 3.00 -34.58 -3.64
N LYS A 294 1.84 -34.44 -3.01
CA LYS A 294 1.44 -35.34 -1.92
C LYS A 294 -0.03 -35.68 -2.01
N ILE A 295 -0.36 -36.93 -1.64
CA ILE A 295 -1.74 -37.38 -1.64
C ILE A 295 -2.20 -37.62 -0.20
N VAL A 296 -3.38 -37.10 0.12
CA VAL A 296 -3.94 -37.25 1.46
C VAL A 296 -5.28 -37.96 1.38
N LEU A 297 -5.53 -38.86 2.32
CA LEU A 297 -6.65 -39.79 2.18
C LEU A 297 -7.84 -39.56 3.11
N LYS A 298 -7.57 -39.33 4.39
CA LYS A 298 -8.63 -39.19 5.39
C LYS A 298 -9.64 -40.32 5.32
N GLU A 299 -9.33 -41.45 5.96
CA GLU A 299 -10.30 -42.54 6.02
C GLU A 299 -11.00 -42.59 7.39
N GLN A 300 -12.32 -42.48 7.32
CA GLN A 300 -13.19 -42.73 8.45
C GLN A 300 -13.78 -44.11 8.22
N THR A 301 -13.72 -44.97 9.25
CA THR A 301 -14.18 -46.35 9.17
C THR A 301 -13.39 -47.16 8.15
N SER A 310 -11.30 -43.19 2.11
CA SER A 310 -12.36 -43.19 1.12
C SER A 310 -12.54 -41.82 0.46
N GLU A 311 -11.47 -41.02 0.48
CA GLU A 311 -11.48 -39.65 -0.04
C GLU A 311 -10.10 -39.19 -0.54
N GLN A 312 -9.75 -39.50 -1.79
CA GLN A 312 -8.44 -39.10 -2.33
C GLN A 312 -8.36 -37.60 -2.62
N THR A 313 -7.32 -36.95 -2.10
CA THR A 313 -7.14 -35.51 -2.25
C THR A 313 -5.67 -35.18 -2.48
N PHE A 314 -5.41 -34.24 -3.40
CA PHE A 314 -4.03 -33.90 -3.78
C PHE A 314 -3.56 -32.56 -3.22
N MET A 315 -2.26 -32.46 -2.99
CA MET A 315 -1.66 -31.20 -2.53
C MET A 315 -0.44 -30.87 -3.38
N TYR A 316 -0.48 -29.72 -4.04
CA TYR A 316 0.64 -29.31 -4.89
C TYR A 316 1.37 -28.11 -4.30
N TYR A 317 2.69 -28.20 -4.28
CA TYR A 317 3.53 -27.13 -3.77
C TYR A 317 4.23 -26.48 -4.96
N VAL A 318 4.15 -25.15 -5.04
CA VAL A 318 4.74 -24.44 -6.17
C VAL A 318 5.90 -23.56 -5.72
N ASN A 319 6.58 -22.95 -6.69
CA ASN A 319 7.77 -22.14 -6.41
C ASN A 319 7.49 -20.65 -6.28
N ASP A 320 6.26 -20.32 -5.87
CA ASP A 320 5.90 -18.95 -5.56
C ASP A 320 4.82 -18.96 -4.50
N GLY A 321 5.03 -18.21 -3.43
CA GLY A 321 4.15 -18.31 -2.27
C GLY A 321 3.44 -17.04 -1.85
N VAL A 322 2.85 -17.08 -0.66
N VAL A 322 2.87 -17.11 -0.66
CA VAL A 322 2.11 -15.93 -0.16
CA VAL A 322 2.11 -16.02 -0.08
C VAL A 322 3.04 -14.89 0.45
C VAL A 322 3.04 -14.91 0.40
N TYR A 323 4.29 -15.28 0.70
CA TYR A 323 5.29 -14.34 1.18
C TYR A 323 6.17 -13.87 0.02
N GLY A 324 5.81 -14.30 -1.20
CA GLY A 324 6.59 -13.96 -2.37
C GLY A 324 5.82 -13.10 -3.34
N SER A 325 4.71 -13.64 -3.84
CA SER A 325 3.86 -12.91 -4.78
C SER A 325 2.44 -12.74 -4.23
N PHE A 326 1.89 -13.83 -3.71
CA PHE A 326 0.50 -13.84 -3.28
C PHE A 326 0.29 -13.19 -1.91
N ASN A 327 0.71 -11.93 -1.77
CA ASN A 327 0.45 -11.17 -0.56
C ASN A 327 -1.04 -10.96 -0.35
N CYS A 328 -1.79 -10.97 -1.44
CA CYS A 328 -3.23 -10.70 -1.43
C CYS A 328 -4.03 -11.53 -0.44
N ILE A 329 -3.83 -12.86 -0.47
CA ILE A 329 -4.68 -13.79 0.28
C ILE A 329 -4.64 -13.66 1.80
N LEU A 330 -3.56 -13.11 2.35
CA LEU A 330 -3.58 -12.76 3.78
C LEU A 330 -3.73 -11.25 4.01
N TYR A 331 -3.52 -10.47 2.96
CA TYR A 331 -3.84 -9.06 2.98
C TYR A 331 -5.34 -8.87 2.81
N ASP A 332 -5.80 -9.04 1.57
CA ASP A 332 -7.17 -8.73 1.21
C ASP A 332 -8.04 -9.98 1.10
N HIS A 333 -7.51 -11.10 1.57
CA HIS A 333 -8.22 -12.39 1.53
C HIS A 333 -8.71 -12.73 0.13
N ALA A 334 -7.79 -12.78 -0.83
CA ALA A 334 -8.14 -13.06 -2.22
C ALA A 334 -8.67 -14.48 -2.41
N HIS A 335 -9.14 -14.77 -3.61
CA HIS A 335 -9.63 -16.10 -3.96
C HIS A 335 -9.19 -16.46 -5.36
N VAL A 336 -7.91 -16.79 -5.52
CA VAL A 336 -7.34 -17.05 -6.83
C VAL A 336 -7.80 -18.39 -7.41
N LYS A 337 -8.27 -18.34 -8.66
CA LYS A 337 -8.61 -19.57 -9.37
C LYS A 337 -7.45 -19.92 -10.30
N PRO A 338 -7.04 -21.20 -10.28
CA PRO A 338 -5.89 -21.65 -11.07
C PRO A 338 -6.28 -22.13 -12.46
N LEU A 339 -5.44 -21.81 -13.45
CA LEU A 339 -5.67 -22.23 -14.82
C LEU A 339 -4.59 -23.20 -15.27
N LEU A 340 -4.95 -24.10 -16.19
CA LEU A 340 -4.02 -25.11 -16.69
C LEU A 340 -3.48 -24.75 -18.07
N GLN A 341 -3.23 -25.78 -18.86
CA GLN A 341 -2.81 -25.60 -20.25
C GLN A 341 -3.55 -26.57 -21.16
N SER A 352 -9.73 -33.58 -6.54
CA SER A 352 -9.75 -32.39 -5.70
C SER A 352 -8.38 -32.08 -5.12
N SER A 353 -8.01 -30.81 -5.08
CA SER A 353 -6.67 -30.43 -4.63
C SER A 353 -6.60 -29.17 -3.78
N SER A 354 -5.37 -28.75 -3.51
CA SER A 354 -5.06 -27.53 -2.77
C SER A 354 -3.64 -27.15 -3.13
N ILE A 355 -3.42 -25.86 -3.40
CA ILE A 355 -2.12 -25.40 -3.83
C ILE A 355 -1.38 -24.67 -2.70
N TRP A 356 -0.17 -25.11 -2.42
CA TRP A 356 0.63 -24.54 -1.34
C TRP A 356 1.91 -23.90 -1.87
N GLY A 357 2.54 -23.07 -1.05
CA GLY A 357 3.72 -22.34 -1.46
C GLY A 357 5.04 -23.02 -1.09
N PRO A 358 6.15 -22.45 -1.58
CA PRO A 358 7.50 -22.98 -1.38
C PRO A 358 7.89 -23.06 0.09
N THR A 359 7.65 -21.98 0.84
CA THR A 359 7.90 -21.99 2.26
C THR A 359 6.93 -22.97 2.91
N CYS A 360 7.44 -23.96 3.62
CA CYS A 360 6.58 -24.87 4.36
C CYS A 360 6.04 -24.15 5.60
N ASP A 361 5.15 -23.19 5.37
CA ASP A 361 4.54 -22.42 6.43
C ASP A 361 3.08 -22.80 6.55
N GLY A 362 2.47 -22.42 7.67
CA GLY A 362 1.09 -22.77 7.95
C GLY A 362 0.09 -22.16 6.99
N LEU A 363 0.29 -20.89 6.65
CA LEU A 363 -0.64 -20.18 5.78
C LEU A 363 -0.03 -19.80 4.43
N ASP A 364 0.97 -20.55 4.01
CA ASP A 364 1.49 -20.40 2.65
C ASP A 364 0.60 -21.24 1.74
N ARG A 365 -0.68 -20.88 1.70
CA ARG A 365 -1.68 -21.66 0.99
C ARG A 365 -2.35 -20.79 -0.08
N ILE A 366 -1.95 -21.00 -1.33
CA ILE A 366 -2.46 -20.20 -2.44
C ILE A 366 -3.96 -20.42 -2.64
N VAL A 367 -4.34 -21.68 -2.87
CA VAL A 367 -5.75 -22.05 -2.89
C VAL A 367 -5.99 -23.25 -1.97
N GLU A 368 -7.06 -23.21 -1.19
CA GLU A 368 -7.27 -24.22 -0.16
C GLU A 368 -8.00 -25.48 -0.63
N ARG A 369 -8.82 -25.35 -1.67
CA ARG A 369 -9.64 -26.45 -2.13
C ARG A 369 -10.23 -26.15 -3.52
N CYS A 370 -9.76 -26.90 -4.52
CA CYS A 370 -10.22 -26.73 -5.90
C CYS A 370 -10.17 -28.05 -6.65
N ASP A 371 -11.20 -28.30 -7.47
CA ASP A 371 -11.29 -29.54 -8.23
C ASP A 371 -10.33 -29.53 -9.43
N LEU A 372 -9.35 -30.44 -9.39
CA LEU A 372 -8.25 -30.41 -10.35
C LEU A 372 -7.73 -31.82 -10.66
N PRO A 373 -7.60 -32.14 -11.96
CA PRO A 373 -7.03 -33.43 -12.40
C PRO A 373 -5.62 -33.62 -11.87
N GLU A 374 -5.12 -34.85 -11.94
CA GLU A 374 -3.80 -35.17 -11.38
C GLU A 374 -2.68 -34.48 -12.14
N MET A 375 -1.44 -34.71 -11.73
CA MET A 375 -0.31 -34.03 -12.34
C MET A 375 0.69 -34.94 -13.13
N HIS A 376 2.01 -35.02 -12.90
CA HIS A 376 2.79 -34.91 -11.65
C HIS A 376 3.53 -33.58 -11.49
N VAL A 377 4.58 -33.60 -10.66
CA VAL A 377 5.50 -32.49 -10.47
C VAL A 377 6.09 -32.02 -11.81
N GLY A 378 6.48 -30.76 -11.88
CA GLY A 378 7.15 -30.22 -13.06
C GLY A 378 6.20 -29.43 -13.95
N ASP A 379 4.91 -29.62 -13.74
CA ASP A 379 3.89 -28.91 -14.49
C ASP A 379 3.81 -27.45 -14.09
N TRP A 380 3.28 -26.63 -14.99
CA TRP A 380 3.02 -25.23 -14.70
C TRP A 380 1.53 -25.00 -14.48
N MET A 381 1.20 -24.02 -13.66
CA MET A 381 -0.17 -23.55 -13.54
C MET A 381 -0.20 -22.04 -13.69
N LEU A 382 -1.38 -21.49 -13.97
CA LEU A 382 -1.48 -20.09 -14.32
C LEU A 382 -2.48 -19.34 -13.45
N PHE A 383 -2.19 -18.06 -13.22
CA PHE A 383 -3.09 -17.19 -12.51
C PHE A 383 -3.19 -15.86 -13.23
N GLU A 384 -4.40 -15.51 -13.67
CA GLU A 384 -4.62 -14.27 -14.39
C GLU A 384 -4.81 -13.10 -13.43
N ASN A 385 -4.65 -11.90 -13.96
CA ASN A 385 -4.81 -10.68 -13.18
C ASN A 385 -3.92 -10.67 -11.94
N MET A 386 -2.63 -10.92 -12.17
CA MET A 386 -1.63 -10.95 -11.11
C MET A 386 -0.64 -9.82 -11.33
N GLY A 387 -1.18 -8.63 -11.60
CA GLY A 387 -0.35 -7.48 -11.92
C GLY A 387 -0.33 -6.44 -10.83
N ALA A 388 -1.35 -6.45 -9.98
CA ALA A 388 -1.45 -5.48 -8.90
C ALA A 388 -0.97 -6.07 -7.58
N TYR A 389 0.09 -5.47 -7.04
CA TYR A 389 0.65 -5.86 -5.74
C TYR A 389 1.15 -7.30 -5.71
N THR A 390 1.83 -7.71 -6.77
CA THR A 390 2.36 -9.06 -6.87
C THR A 390 3.85 -9.02 -7.24
N VAL A 391 4.41 -7.82 -7.22
CA VAL A 391 5.82 -7.62 -7.57
C VAL A 391 6.49 -6.65 -6.61
N ALA A 392 7.72 -6.95 -6.24
CA ALA A 392 8.50 -6.08 -5.35
C ALA A 392 9.94 -5.94 -5.82
N THR A 396 15.13 -5.73 -3.50
CA THR A 396 14.04 -6.35 -2.76
C THR A 396 14.57 -7.15 -1.59
N PHE A 397 15.86 -7.48 -1.63
CA PHE A 397 16.47 -8.42 -0.70
C PHE A 397 16.27 -8.16 0.80
N ASN A 398 15.02 -8.16 1.24
CA ASN A 398 14.79 -8.31 2.66
C ASN A 398 14.60 -9.79 3.06
N GLY A 399 13.55 -10.49 2.58
CA GLY A 399 12.51 -10.00 1.69
C GLY A 399 12.75 -10.32 0.23
N PHE A 400 13.50 -11.38 -0.04
CA PHE A 400 14.03 -11.58 -1.39
C PHE A 400 13.19 -12.49 -2.29
N GLN A 401 13.31 -12.24 -3.59
CA GLN A 401 12.76 -13.09 -4.64
C GLN A 401 13.28 -12.63 -5.99
N ARG A 402 12.66 -11.55 -6.50
CA ARG A 402 12.75 -11.12 -7.90
C ARG A 402 12.45 -12.23 -8.93
N PRO A 403 11.25 -12.17 -9.53
CA PRO A 403 10.97 -13.00 -10.70
C PRO A 403 11.35 -12.28 -12.00
N THR A 404 10.97 -12.86 -13.13
CA THR A 404 11.28 -12.30 -14.45
C THR A 404 10.00 -12.02 -15.23
N ILE A 405 9.91 -10.84 -15.84
CA ILE A 405 8.70 -10.42 -16.55
C ILE A 405 8.94 -10.36 -18.06
N TYR A 406 7.99 -10.88 -18.83
CA TYR A 406 8.03 -10.84 -20.29
C TYR A 406 6.98 -9.88 -20.83
N TYR A 407 7.39 -8.67 -21.19
CA TYR A 407 6.44 -7.70 -21.73
C TYR A 407 6.16 -7.93 -23.21
N VAL A 408 4.87 -8.01 -23.55
CA VAL A 408 4.47 -8.26 -24.92
C VAL A 408 3.67 -7.08 -25.46
N MET A 409 4.37 -6.15 -26.10
CA MET A 409 3.69 -5.01 -26.69
C MET A 409 3.43 -5.24 -28.17
N SER A 410 2.17 -5.56 -28.49
CA SER A 410 1.73 -5.81 -29.87
C SER A 410 2.09 -4.67 -30.82
N ASN B 25 13.67 4.09 34.07
CA ASN B 25 15.09 4.40 34.18
C ASN B 25 15.46 5.60 33.29
N LEU B 26 14.44 6.31 32.80
CA LEU B 26 14.59 7.57 32.04
C LEU B 26 15.46 7.50 30.76
N PHE B 27 15.03 6.71 29.78
CA PHE B 27 15.69 6.68 28.48
C PHE B 27 15.51 8.01 27.75
N TYR B 28 14.31 8.22 27.20
CA TYR B 28 14.06 9.43 26.41
C TYR B 28 12.71 10.08 26.75
N SER B 29 12.68 11.40 26.66
CA SER B 29 11.43 12.14 26.86
C SER B 29 11.48 13.46 26.10
N ASP B 30 10.49 13.66 25.24
CA ASP B 30 10.28 14.96 24.61
C ASP B 30 8.83 15.35 24.76
N ASP B 31 8.38 16.33 23.99
CA ASP B 31 7.04 16.87 24.12
C ASP B 31 5.96 15.84 23.83
N ARG B 32 6.30 14.85 23.01
CA ARG B 32 5.31 13.88 22.54
C ARG B 32 5.58 12.46 23.03
N LEU B 33 6.77 12.21 23.58
CA LEU B 33 7.13 10.86 23.99
C LEU B 33 7.63 10.70 25.42
N ASN B 34 7.42 9.50 25.95
CA ASN B 34 7.89 9.14 27.26
C ASN B 34 8.28 7.67 27.25
N VAL B 35 9.54 7.39 26.92
CA VAL B 35 9.99 6.01 26.90
C VAL B 35 10.88 5.66 28.09
N THR B 36 10.30 4.89 29.01
CA THR B 36 11.01 4.22 30.09
C THR B 36 11.42 2.82 29.65
N GLU B 37 12.36 2.22 30.40
CA GLU B 37 13.01 0.94 30.09
C GLU B 37 12.73 -0.19 31.07
N GLU B 38 12.95 -1.45 30.67
CA GLU B 38 12.72 -2.58 31.59
C GLU B 38 13.94 -2.90 32.48
N ASP B 43 18.92 -6.67 32.34
CA ASP B 43 18.00 -6.92 31.23
C ASP B 43 18.62 -6.58 29.88
N LYS B 44 19.38 -7.53 29.33
CA LYS B 44 20.01 -7.37 28.03
C LYS B 44 19.50 -8.47 27.10
N THR B 45 19.11 -8.14 25.86
CA THR B 45 19.25 -6.82 25.24
C THR B 45 18.36 -5.72 25.83
N ARG B 46 18.51 -4.52 25.28
CA ARG B 46 17.76 -3.32 25.67
C ARG B 46 16.32 -3.34 25.25
N ILE B 47 15.39 -3.52 26.18
CA ILE B 47 13.97 -3.44 25.86
C ILE B 47 13.49 -2.02 26.15
N LEU B 48 12.65 -1.47 25.27
CA LEU B 48 12.11 -0.11 25.45
C LEU B 48 10.60 -0.09 25.61
N ASN B 49 10.08 0.79 26.48
CA ASN B 49 8.64 0.99 26.62
C ASN B 49 8.24 2.40 26.18
N VAL B 50 8.04 2.59 24.88
CA VAL B 50 7.77 3.92 24.35
C VAL B 50 6.29 4.30 24.46
N GLN B 51 6.05 5.51 24.95
CA GLN B 51 4.69 5.94 25.29
C GLN B 51 4.42 7.36 24.80
N SER B 52 3.32 7.52 24.07
CA SER B 52 3.01 8.77 23.40
C SER B 52 2.02 9.67 24.16
N ARG B 53 2.53 10.77 24.69
CA ARG B 53 1.71 11.78 25.35
C ARG B 53 1.25 12.78 24.30
N LEU B 54 0.65 12.28 23.23
CA LEU B 54 0.37 13.09 22.06
C LEU B 54 -0.44 14.35 22.32
N THR B 55 -0.37 15.28 21.38
CA THR B 55 -0.84 16.65 21.55
C THR B 55 -2.33 16.79 21.94
N ASP B 56 -3.05 15.68 22.05
CA ASP B 56 -4.47 15.69 22.41
C ASP B 56 -5.05 14.29 22.63
N ALA B 57 -4.22 13.27 22.47
CA ALA B 57 -4.73 11.89 22.45
C ALA B 57 -4.76 11.21 23.82
N LYS B 58 -5.33 10.01 23.84
CA LYS B 58 -5.29 9.14 25.01
C LYS B 58 -3.89 8.56 25.14
N ARG B 59 -3.70 7.64 26.08
CA ARG B 59 -2.36 7.09 26.29
C ARG B 59 -2.08 5.83 25.46
N ILE B 60 -1.06 5.92 24.61
CA ILE B 60 -0.68 4.80 23.76
C ILE B 60 0.76 4.40 24.05
N ASN B 61 0.95 3.20 24.57
CA ASN B 61 2.29 2.68 24.84
C ASN B 61 2.62 1.52 23.91
N TRP B 62 3.89 1.43 23.54
CA TRP B 62 4.35 0.34 22.68
C TRP B 62 5.55 -0.35 23.30
N ARG B 63 5.35 -1.58 23.78
CA ARG B 63 6.46 -2.37 24.26
C ARG B 63 7.32 -2.79 23.09
N THR B 64 8.45 -2.12 22.93
CA THR B 64 9.38 -2.41 21.84
C THR B 64 10.65 -3.00 22.41
N VAL B 65 11.55 -3.39 21.51
CA VAL B 65 12.87 -3.86 21.91
C VAL B 65 13.90 -3.57 20.81
N LEU B 66 14.97 -2.88 21.18
CA LEU B 66 16.05 -2.54 20.27
C LEU B 66 17.19 -3.53 20.44
N SER B 67 17.57 -4.19 19.34
CA SER B 67 18.66 -5.17 19.38
C SER B 67 19.54 -5.07 18.15
N GLY B 68 20.70 -4.46 18.31
CA GLY B 68 21.65 -4.31 17.22
C GLY B 68 21.10 -3.51 16.05
N GLY B 69 20.84 -2.22 16.30
CA GLY B 69 20.32 -1.35 15.26
C GLY B 69 18.82 -1.46 15.11
N SER B 70 18.35 -2.64 14.71
CA SER B 70 16.93 -2.86 14.47
C SER B 70 16.10 -2.83 15.75
N LEU B 71 14.91 -2.26 15.66
CA LEU B 71 13.99 -2.21 16.79
C LEU B 71 12.72 -3.02 16.51
N TYR B 72 12.25 -3.76 17.52
CA TYR B 72 11.14 -4.67 17.34
C TYR B 72 9.94 -4.30 18.21
N ILE B 73 8.95 -3.65 17.61
CA ILE B 73 7.73 -3.29 18.30
C ILE B 73 6.78 -4.48 18.34
N GLU B 74 6.22 -4.75 19.51
CA GLU B 74 5.18 -5.77 19.64
C GLU B 74 3.82 -5.10 19.52
N ILE B 75 2.91 -5.72 18.79
CA ILE B 75 1.59 -5.16 18.56
C ILE B 75 0.58 -5.68 19.59
N PRO B 76 -0.08 -4.76 20.32
CA PRO B 76 -1.11 -5.00 21.33
C PRO B 76 -2.21 -5.98 20.92
N GLY B 77 -3.08 -6.32 21.86
CA GLY B 77 -4.11 -7.32 21.68
C GLY B 77 -5.16 -7.01 20.62
N GLY B 78 -5.35 -5.74 20.31
CA GLY B 78 -6.35 -5.35 19.32
C GLY B 78 -7.76 -5.45 19.86
N ALA B 79 -8.65 -4.54 19.49
CA ALA B 79 -8.38 -3.47 18.52
C ALA B 79 -7.48 -2.37 19.07
N LEU B 80 -6.96 -1.54 18.17
CA LEU B 80 -6.02 -0.50 18.55
C LEU B 80 -6.72 0.74 19.10
N PRO B 81 -6.17 1.31 20.19
CA PRO B 81 -6.70 2.52 20.81
C PRO B 81 -6.62 3.71 19.86
N GLU B 82 -7.61 4.60 19.94
CA GLU B 82 -7.67 5.75 19.05
C GLU B 82 -6.62 6.80 19.39
N GLY B 83 -5.48 6.71 18.71
CA GLY B 83 -4.39 7.65 18.88
C GLY B 83 -3.41 7.43 17.75
N SER B 84 -2.91 6.20 17.66
CA SER B 84 -2.16 5.73 16.52
C SER B 84 -3.02 5.92 15.26
N LYS B 85 -2.42 6.20 14.10
CA LYS B 85 -0.98 6.16 13.84
C LYS B 85 -0.19 7.38 14.33
N ASP B 86 -0.89 8.46 14.64
CA ASP B 86 -0.28 9.69 15.13
C ASP B 86 0.74 9.42 16.24
N SER B 87 0.47 8.38 17.03
CA SER B 87 1.42 7.87 18.01
C SER B 87 2.53 7.06 17.34
N PHE B 88 2.13 6.06 16.56
CA PHE B 88 3.09 5.16 15.91
C PHE B 88 4.01 5.92 14.96
N ALA B 89 3.46 6.94 14.29
CA ALA B 89 4.25 7.78 13.40
C ALA B 89 5.34 8.51 14.18
N VAL B 90 5.00 8.94 15.39
CA VAL B 90 5.97 9.53 16.31
C VAL B 90 6.99 8.46 16.74
N LEU B 91 6.53 7.21 16.85
CA LEU B 91 7.39 6.07 17.18
C LEU B 91 8.39 5.74 16.05
N LEU B 92 8.26 6.45 14.93
CA LEU B 92 9.19 6.30 13.81
C LEU B 92 10.12 7.51 13.59
N GLU B 93 9.79 8.66 14.17
CA GLU B 93 10.72 9.80 14.21
C GLU B 93 11.98 9.31 14.90
N PHE B 94 11.96 9.41 16.24
CA PHE B 94 12.50 8.41 17.11
C PHE B 94 11.64 7.26 16.65
N ALA B 95 12.18 6.10 16.27
CA ALA B 95 13.56 5.69 16.54
C ALA B 95 14.56 5.96 15.42
N GLU B 96 14.06 6.36 14.25
CA GLU B 96 14.94 6.70 13.12
C GLU B 96 15.95 7.77 13.54
N GLU B 97 15.50 8.70 14.38
CA GLU B 97 16.28 9.88 14.69
C GLU B 97 17.08 9.81 16.00
N GLN B 98 16.59 9.03 16.96
CA GLN B 98 17.28 8.91 18.24
C GLN B 98 17.97 7.56 18.40
N LEU B 99 17.26 6.47 18.07
CA LEU B 99 17.83 5.14 18.15
C LEU B 99 18.65 4.83 16.90
N ARG B 100 18.49 5.67 15.88
CA ARG B 100 19.22 5.51 14.62
C ARG B 100 19.00 4.13 14.01
N ALA B 101 17.80 3.60 14.20
CA ALA B 101 17.45 2.27 13.70
C ALA B 101 17.37 2.27 12.18
N ASP B 102 17.88 1.21 11.57
CA ASP B 102 17.78 1.03 10.13
C ASP B 102 16.58 0.16 9.80
N HIS B 103 16.13 -0.61 10.79
CA HIS B 103 15.02 -1.54 10.63
C HIS B 103 14.06 -1.42 11.81
N VAL B 104 12.77 -1.39 11.54
CA VAL B 104 11.76 -1.49 12.58
C VAL B 104 10.77 -2.59 12.25
N PHE B 105 10.72 -3.61 13.10
CA PHE B 105 9.86 -4.77 12.86
C PHE B 105 8.66 -4.72 13.79
N ILE B 106 7.50 -5.10 13.27
CA ILE B 106 6.33 -5.29 14.12
C ILE B 106 5.96 -6.76 14.15
N CYS B 107 5.29 -7.18 15.21
CA CYS B 107 4.92 -8.59 15.35
C CYS B 107 3.59 -8.73 16.07
N PHE B 108 2.78 -9.68 15.61
CA PHE B 108 1.55 -10.04 16.29
C PHE B 108 1.26 -11.52 16.12
N HIS B 109 0.45 -12.07 17.03
CA HIS B 109 0.20 -13.51 17.07
C HIS B 109 -0.54 -14.00 15.82
N LYS B 110 -0.39 -15.29 15.52
CA LYS B 110 -1.13 -15.84 14.38
C LYS B 110 -1.78 -17.23 14.55
N ASN B 111 -3.11 -17.28 14.70
CA ASN B 111 -4.01 -16.16 15.05
C ASN B 111 -3.94 -14.90 14.09
N ARG B 112 -4.29 -13.67 14.48
CA ARG B 112 -5.20 -13.27 15.55
C ARG B 112 -6.59 -13.48 14.99
N GLU B 113 -7.31 -12.37 14.79
CA GLU B 113 -8.62 -12.41 14.15
C GLU B 113 -8.73 -11.31 13.08
N ASP B 114 -7.82 -10.33 13.18
CA ASP B 114 -7.74 -9.24 12.22
C ASP B 114 -6.36 -9.21 11.62
N ARG B 115 -5.74 -10.38 11.54
CA ARG B 115 -4.42 -10.52 10.94
C ARG B 115 -4.41 -9.86 9.58
N ALA B 116 -5.50 -10.06 8.83
CA ALA B 116 -5.67 -9.46 7.52
C ALA B 116 -5.61 -7.94 7.59
N ALA B 117 -6.62 -7.34 8.23
CA ALA B 117 -6.70 -5.90 8.38
C ALA B 117 -5.42 -5.31 8.94
N LEU B 118 -4.78 -6.04 9.86
CA LEU B 118 -3.48 -5.66 10.43
C LEU B 118 -2.38 -5.65 9.38
N LEU B 119 -2.22 -6.80 8.71
CA LEU B 119 -1.26 -6.95 7.63
C LEU B 119 -1.49 -5.87 6.60
N ARG B 120 -2.75 -5.64 6.27
CA ARG B 120 -3.15 -4.66 5.28
C ARG B 120 -2.80 -3.23 5.69
N THR B 121 -3.19 -2.83 6.90
CA THR B 121 -2.95 -1.44 7.33
C THR B 121 -1.48 -1.06 7.41
N PHE B 122 -0.67 -1.89 8.05
CA PHE B 122 0.74 -1.58 8.21
C PHE B 122 1.47 -1.57 6.87
N SER B 123 0.91 -2.30 5.89
CA SER B 123 1.43 -2.30 4.52
C SER B 123 1.25 -0.94 3.84
N PHE B 124 0.22 -0.19 4.26
CA PHE B 124 -0.03 1.15 3.74
C PHE B 124 1.13 2.06 4.17
N LEU B 125 1.73 1.71 5.30
CA LEU B 125 2.97 2.32 5.72
C LEU B 125 4.06 1.48 5.06
N GLY B 126 5.25 2.02 4.86
CA GLY B 126 6.27 1.33 4.08
C GLY B 126 6.67 -0.08 4.54
N PHE B 127 5.71 -0.84 5.07
CA PHE B 127 5.98 -2.17 5.60
C PHE B 127 5.78 -3.27 4.56
N GLU B 128 6.19 -4.46 4.94
CA GLU B 128 6.05 -5.64 4.12
C GLU B 128 6.23 -6.87 4.95
N ILE B 129 5.64 -7.96 4.51
CA ILE B 129 5.64 -9.19 5.26
C ILE B 129 6.97 -9.88 5.12
N VAL B 130 7.43 -10.50 6.19
CA VAL B 130 8.73 -11.11 6.23
C VAL B 130 8.61 -12.63 6.14
N ARG B 131 9.34 -13.22 5.20
CA ARG B 131 9.28 -14.65 4.94
C ARG B 131 9.94 -15.40 6.05
N PRO B 132 9.22 -16.47 6.60
CA PRO B 132 9.84 -17.01 7.81
C PRO B 132 11.25 -17.49 7.58
N GLY B 133 12.01 -17.56 8.66
CA GLY B 133 13.39 -17.98 8.58
C GLY B 133 14.39 -16.86 8.51
N HIS B 134 13.95 -15.64 8.30
CA HIS B 134 14.88 -14.55 8.13
C HIS B 134 15.78 -14.50 9.30
N PRO B 135 16.98 -14.01 9.11
CA PRO B 135 17.97 -13.94 10.18
C PRO B 135 17.62 -12.92 11.23
N LEU B 136 16.63 -12.08 10.97
CA LEU B 136 16.31 -11.01 11.89
C LEU B 136 15.01 -11.24 12.64
N VAL B 137 14.68 -12.46 12.99
CA VAL B 137 13.41 -12.75 13.65
C VAL B 137 13.43 -14.02 14.49
N ARG B 140 10.69 -17.90 16.10
CA ARG B 140 9.42 -18.33 16.63
C ARG B 140 8.52 -18.51 15.47
N PRO B 141 7.51 -19.35 15.62
CA PRO B 141 6.63 -19.59 14.50
C PRO B 141 5.18 -19.26 14.78
N ASP B 142 4.85 -18.93 16.01
CA ASP B 142 3.46 -18.70 16.36
C ASP B 142 3.03 -17.30 16.05
N ALA B 143 3.98 -16.50 15.59
CA ALA B 143 3.81 -15.09 15.44
C ALA B 143 4.15 -14.65 14.05
N CYS B 144 3.41 -13.66 13.59
CA CYS B 144 3.55 -13.11 12.27
C CYS B 144 4.30 -11.80 12.32
N PHE B 145 5.30 -11.63 11.49
CA PHE B 145 6.10 -10.47 11.53
C PHE B 145 5.87 -9.57 10.36
N MET B 146 6.27 -8.34 10.50
CA MET B 146 6.36 -7.42 9.37
C MET B 146 7.54 -6.49 9.56
N ALA B 147 8.16 -6.11 8.45
CA ALA B 147 9.38 -5.32 8.51
C ALA B 147 9.31 -4.03 7.70
N TYR B 148 9.65 -2.92 8.33
CA TYR B 148 9.72 -1.62 7.67
C TYR B 148 11.18 -1.19 7.65
N THR B 149 11.74 -0.91 6.49
CA THR B 149 13.09 -0.35 6.47
C THR B 149 13.12 1.13 6.13
N PHE B 150 14.00 1.83 6.82
CA PHE B 150 14.20 3.26 6.62
C PHE B 150 15.02 3.52 5.37
N GLU B 151 15.14 4.79 5.03
CA GLU B 151 15.88 5.21 3.84
C GLU B 151 16.90 6.28 4.19
#